data_6WLN
#
_entry.id   6WLN
#
_entity_poly.entity_id   1
_entity_poly.type   'polyribonucleotide'
_entity_poly.pdbx_seq_one_letter_code
;GGAUCUUACUUGGUAGACUCGCAGGAAGUCUACCGAGUAAGAGAAAGAGGAAAGACGGCCAAAUUGCGGGAAAGGGGACA
ACAGCCGUUCAGUACCAAGUCUCAGGGAAACUUCAGAUGGCCUCGCAAAGGGUAUGGUAAUAAGCUGACGGACAUGGUCC
UAACCACGCAGUCAAGUCCUAAGUCAACAGCCUUGGCUGUUGAUAUGGAUGCAUUUCGAUCCAACCGAGGCUCAUUCUUG
UAAUUCAUGGCCGUCGGGGAGGCACUUCGGUGCCUCUGAUAACAACUUGAAAUAAGGUUGGCUCAACGGCGCGUGACAGA
CAAUUCGCGCUGGAACUGCAGUCGGACCU
;
_entity_poly.pdbx_strand_id   A
#